data_8I2R
#
_entry.id   8I2R
#
_cell.length_a   54.542
_cell.length_b   81.697
_cell.length_c   99.602
_cell.angle_alpha   90.00
_cell.angle_beta   90.00
_cell.angle_gamma   90.00
#
_symmetry.space_group_name_H-M   'P 21 21 21'
#
loop_
_entity.id
_entity.type
_entity.pdbx_description
1 polymer Beta-fructosyltransferase
2 non-polymer 'MAGNESIUM ION'
3 non-polymer beta-D-fructofuranose
4 non-polymer beta-D-fructopyranose
5 water water
#
_entity_poly.entity_id   1
_entity_poly.type   'polypeptide(L)'
_entity_poly.pdbx_seq_one_letter_code
;GSGMKETAAAKFERQHMDSPDLGTDDDDKAMADIGSSGYPIPTPHSGQAYDPFADFTAKWTRANARQIKAQSHVPVSPDQ
NSLPLNLTMPDIPADFPQTNPDVWVWDTWPLADVHGNQLSFQGWEVIFSLTADPHAGYVFDDRHVHARIGFFYRKAGIPA
NQRPIDGGWIYGGHLFPDGSSVKVFGNVPMTQNAEWSGGARFVGGPQHAYLKNNNVSLYYTATSFNRNAQGGNITPPIAI
ISRADGQIQADDKHVWFTGFDQHLPLLAPDGKYYQTGQQNEFFSFRDPYVFLDPAHPGKTFMVFEGNTAVQRGSRSCTEA
DLGYSPNDPNKEDLNAVMDSGAIYQMANVGLAVATNDELTQWKFLPPILSGNCVNDQTERPQIYLKDGKYYLFTISRRTT
YAAGVDGPDGVYGFVGDGIRSDFIPLNGLSGLTLGNPTDLYQPAGAPYALNPNQNPRTFQSYSHYVMPGGLVESYIDAIG
PRRGGALAPTVKININGTSTILDRTYGNAGLGGYGDIPANLPA
;
_entity_poly.pdbx_strand_id   A
#
loop_
_chem_comp.id
_chem_comp.type
_chem_comp.name
_chem_comp.formula
BDF D-saccharide, beta linking beta-D-fructopyranose 'C6 H12 O6'
FRU D-saccharide, beta linking beta-D-fructofuranose 'C6 H12 O6'
MG non-polymer 'MAGNESIUM ION' 'Mg 2'
#
# COMPACT_ATOMS: atom_id res chain seq x y z
N TYR A 39 9.61 18.17 22.15
CA TYR A 39 9.71 16.74 21.69
C TYR A 39 8.69 15.90 22.46
N PRO A 40 7.64 15.39 21.79
CA PRO A 40 6.52 14.79 22.50
C PRO A 40 6.93 13.41 23.03
N ILE A 41 6.32 13.01 24.14
CA ILE A 41 6.49 11.63 24.68
C ILE A 41 5.69 10.70 23.77
N PRO A 42 6.31 9.68 23.14
CA PRO A 42 5.55 8.77 22.30
C PRO A 42 4.64 7.88 23.15
N THR A 43 3.47 7.58 22.62
CA THR A 43 2.53 6.63 23.27
C THR A 43 3.19 5.25 23.36
N PRO A 44 3.29 4.63 24.56
CA PRO A 44 3.75 3.26 24.66
C PRO A 44 2.74 2.27 24.07
N HIS A 45 3.23 1.12 23.60
CA HIS A 45 2.40 0.00 23.11
C HIS A 45 3.00 -1.31 23.60
N SER A 46 2.13 -2.27 23.91
CA SER A 46 2.56 -3.57 24.47
C SER A 46 2.91 -4.58 23.39
N GLY A 47 2.34 -4.47 22.18
CA GLY A 47 2.43 -5.51 21.15
C GLY A 47 1.55 -6.72 21.46
N GLN A 48 0.78 -6.69 22.55
CA GLN A 48 0.05 -7.91 22.97
C GLN A 48 -0.97 -8.30 21.90
N ALA A 49 -1.18 -9.60 21.75
CA ALA A 49 -2.16 -10.19 20.82
C ALA A 49 -3.55 -10.21 21.44
N TYR A 50 -4.54 -10.12 20.58
CA TYR A 50 -5.97 -10.29 20.89
C TYR A 50 -6.54 -11.36 19.99
N ASP A 51 -7.68 -11.91 20.38
CA ASP A 51 -8.51 -12.73 19.48
C ASP A 51 -8.81 -11.94 18.22
N PRO A 52 -8.59 -12.48 17.00
CA PRO A 52 -8.93 -11.72 15.78
C PRO A 52 -10.39 -11.23 15.76
N PHE A 53 -11.29 -11.91 16.47
CA PHE A 53 -12.74 -11.61 16.47
C PHE A 53 -13.08 -10.54 17.51
N ALA A 54 -12.16 -10.19 18.40
CA ALA A 54 -12.43 -9.24 19.50
C ALA A 54 -12.44 -7.79 19.00
N ASP A 55 -13.15 -6.96 19.75
CA ASP A 55 -13.27 -5.51 19.46
C ASP A 55 -12.10 -4.78 20.14
N PHE A 56 -10.98 -4.73 19.45
CA PHE A 56 -9.78 -3.96 19.85
C PHE A 56 -9.15 -3.40 18.59
N THR A 57 -8.90 -2.10 18.54
CA THR A 57 -8.19 -1.44 17.42
C THR A 57 -6.99 -0.70 17.96
N ALA A 58 -5.79 -1.01 17.46
CA ALA A 58 -4.59 -0.26 17.84
C ALA A 58 -4.64 1.11 17.20
N LYS A 59 -4.14 2.12 17.90
CA LYS A 59 -4.02 3.48 17.36
C LYS A 59 -2.56 3.81 17.05
N TRP A 60 -2.34 4.37 15.87
CA TRP A 60 -1.11 5.07 15.50
C TRP A 60 -1.37 6.51 15.89
N THR A 61 -0.92 6.93 17.07
CA THR A 61 -1.40 8.17 17.71
C THR A 61 -0.65 9.39 17.17
N ARG A 62 -1.18 10.57 17.43
CA ARG A 62 -0.43 11.79 17.09
C ARG A 62 0.91 11.83 17.86
N ALA A 63 0.94 11.38 19.09
CA ALA A 63 2.19 11.37 19.88
C ALA A 63 3.21 10.42 19.24
N ASN A 64 2.78 9.30 18.67
CA ASN A 64 3.67 8.41 17.90
C ASN A 64 4.11 9.09 16.60
N ALA A 65 3.18 9.55 15.77
CA ALA A 65 3.55 10.10 14.45
C ALA A 65 4.44 11.35 14.61
N ARG A 66 4.26 12.13 15.67
CA ARG A 66 5.09 13.35 15.89
C ARG A 66 6.55 12.96 16.14
N GLN A 67 6.83 11.71 16.46
CA GLN A 67 8.24 11.27 16.61
C GLN A 67 9.00 11.41 15.27
N ILE A 68 8.33 11.33 14.13
CA ILE A 68 9.04 11.37 12.81
C ILE A 68 9.76 12.71 12.70
N LYS A 69 9.04 13.81 12.90
CA LYS A 69 9.67 15.15 12.84
C LYS A 69 10.65 15.30 14.00
N ALA A 70 10.34 14.77 15.19
CA ALA A 70 11.26 14.85 16.35
C ALA A 70 12.63 14.22 16.01
N GLN A 71 12.66 13.13 15.25
CA GLN A 71 13.89 12.38 14.87
C GLN A 71 14.60 13.03 13.68
N SER A 72 13.94 13.98 13.00
CA SER A 72 14.45 14.61 11.76
C SER A 72 15.43 15.72 12.13
N HIS A 73 16.24 16.14 11.15
CA HIS A 73 17.21 17.26 11.30
C HIS A 73 17.01 18.23 10.15
N VAL A 74 17.25 19.51 10.40
CA VAL A 74 17.21 20.52 9.31
C VAL A 74 18.31 20.13 8.33
N PRO A 75 18.02 19.92 7.02
CA PRO A 75 19.06 19.51 6.08
C PRO A 75 20.21 20.52 6.06
N VAL A 76 21.44 20.01 5.97
CA VAL A 76 22.67 20.83 5.77
C VAL A 76 22.83 21.05 4.26
N SER A 77 22.44 22.22 3.78
CA SER A 77 22.51 22.60 2.34
C SER A 77 23.88 22.27 1.79
N PRO A 78 23.98 21.79 0.52
CA PRO A 78 22.82 21.66 -0.37
C PRO A 78 22.07 20.33 -0.25
N ASP A 79 22.31 19.54 0.79
CA ASP A 79 21.47 18.34 1.06
C ASP A 79 20.06 18.82 1.37
N GLN A 80 19.07 18.05 0.91
CA GLN A 80 17.63 18.36 1.10
C GLN A 80 16.91 17.17 1.73
N ASN A 81 17.60 16.37 2.55
CA ASN A 81 16.95 15.26 3.29
C ASN A 81 17.04 15.52 4.79
N SER A 82 15.91 15.51 5.48
CA SER A 82 15.75 15.70 6.94
C SER A 82 15.62 14.36 7.65
N LEU A 83 15.36 13.27 6.93
CA LEU A 83 15.04 11.99 7.62
C LEU A 83 16.32 11.36 8.14
N PRO A 84 16.23 10.55 9.22
CA PRO A 84 17.35 9.71 9.62
C PRO A 84 17.82 8.85 8.45
N LEU A 85 19.13 8.70 8.27
CA LEU A 85 19.68 7.99 7.09
C LEU A 85 19.12 6.56 7.04
N ASN A 86 18.97 5.90 8.18
CA ASN A 86 18.55 4.48 8.24
C ASN A 86 17.10 4.30 7.76
N LEU A 87 16.33 5.39 7.69
CA LEU A 87 14.90 5.41 7.29
C LEU A 87 14.73 6.06 5.93
N THR A 88 15.82 6.32 5.21
CA THR A 88 15.77 7.06 3.94
C THR A 88 16.02 6.13 2.75
N MET A 89 15.16 6.15 1.75
CA MET A 89 15.40 5.44 0.48
C MET A 89 16.51 6.16 -0.28
N PRO A 90 17.54 5.45 -0.80
CA PRO A 90 18.57 6.11 -1.61
C PRO A 90 17.98 6.82 -2.84
N ASP A 91 18.68 7.84 -3.32
CA ASP A 91 18.28 8.64 -4.49
C ASP A 91 18.25 7.76 -5.73
N ILE A 92 17.11 7.67 -6.40
CA ILE A 92 16.98 6.90 -7.66
C ILE A 92 17.54 7.74 -8.81
N PRO A 93 18.35 7.15 -9.71
CA PRO A 93 18.90 7.90 -10.85
C PRO A 93 17.79 8.45 -11.77
N ALA A 94 17.98 9.67 -12.28
CA ALA A 94 17.03 10.35 -13.19
C ALA A 94 16.97 9.65 -14.55
N ASP A 95 17.94 8.79 -14.86
CA ASP A 95 18.01 8.10 -16.18
C ASP A 95 17.43 6.69 -16.08
N PHE A 96 16.56 6.42 -15.10
CA PHE A 96 15.91 5.10 -14.94
C PHE A 96 15.24 4.68 -16.25
N PRO A 97 15.16 3.36 -16.52
CA PRO A 97 14.45 2.85 -17.67
C PRO A 97 12.94 2.71 -17.42
N GLN A 98 12.14 2.70 -18.49
CA GLN A 98 10.72 2.30 -18.37
C GLN A 98 10.67 0.79 -18.21
N THR A 99 9.68 0.27 -17.50
CA THR A 99 9.46 -1.19 -17.41
C THR A 99 9.03 -1.70 -18.79
N ASN A 100 8.22 -0.92 -19.48
CA ASN A 100 7.75 -1.21 -20.85
C ASN A 100 7.45 0.12 -21.51
N PRO A 101 7.84 0.36 -22.78
CA PRO A 101 7.61 1.67 -23.38
C PRO A 101 6.12 1.98 -23.62
N ASP A 102 5.29 0.94 -23.67
CA ASP A 102 3.88 1.05 -24.09
C ASP A 102 2.92 1.04 -22.90
N VAL A 103 3.44 1.05 -21.68
CA VAL A 103 2.62 0.81 -20.45
C VAL A 103 3.14 1.71 -19.33
N TRP A 104 2.27 2.48 -18.72
CA TRP A 104 2.51 3.03 -17.37
C TRP A 104 2.20 1.93 -16.36
N VAL A 105 3.18 1.60 -15.53
CA VAL A 105 3.06 0.57 -14.47
C VAL A 105 3.12 1.28 -13.13
N TRP A 106 2.29 0.90 -12.18
CA TRP A 106 2.48 1.45 -10.82
C TRP A 106 2.33 0.32 -9.80
N ASP A 107 1.32 0.31 -8.95
CA ASP A 107 1.20 -0.69 -7.87
C ASP A 107 1.43 -2.08 -8.46
N THR A 108 2.32 -2.85 -7.87
CA THR A 108 2.76 -4.16 -8.42
C THR A 108 2.77 -5.20 -7.28
N TRP A 109 2.41 -6.43 -7.60
CA TRP A 109 2.48 -7.54 -6.63
C TRP A 109 2.96 -8.79 -7.35
N PRO A 110 3.63 -9.69 -6.62
CA PRO A 110 4.14 -10.94 -7.19
C PRO A 110 3.07 -12.02 -7.26
N LEU A 111 3.27 -13.04 -8.09
CA LEU A 111 2.57 -14.33 -7.90
C LEU A 111 3.01 -14.90 -6.55
N ALA A 112 2.08 -15.14 -5.65
CA ALA A 112 2.38 -15.46 -4.24
C ALA A 112 1.46 -16.56 -3.76
N ASP A 113 1.72 -17.04 -2.55
CA ASP A 113 0.75 -17.91 -1.84
C ASP A 113 0.27 -17.18 -0.59
N VAL A 114 -0.61 -17.83 0.17
CA VAL A 114 -1.19 -17.24 1.40
C VAL A 114 -0.17 -17.21 2.55
N HIS A 115 1.05 -17.73 2.35
CA HIS A 115 2.16 -17.63 3.33
C HIS A 115 3.09 -16.46 2.98
N GLY A 116 2.78 -15.70 1.93
CA GLY A 116 3.63 -14.58 1.45
C GLY A 116 4.82 -15.04 0.62
N ASN A 117 5.00 -16.35 0.41
CA ASN A 117 6.05 -16.84 -0.52
C ASN A 117 5.77 -16.28 -1.91
N GLN A 118 6.83 -15.98 -2.66
CA GLN A 118 6.74 -15.54 -4.06
C GLN A 118 7.10 -16.73 -4.94
N LEU A 119 6.21 -17.11 -5.82
CA LEU A 119 6.29 -18.42 -6.52
C LEU A 119 6.66 -18.22 -7.97
N SER A 120 7.58 -19.06 -8.47
CA SER A 120 7.80 -19.21 -9.92
C SER A 120 6.87 -20.30 -10.45
N PHE A 121 6.54 -20.23 -11.71
CA PHE A 121 5.69 -21.24 -12.37
C PHE A 121 6.45 -21.78 -13.58
N GLN A 122 6.81 -23.06 -13.55
CA GLN A 122 7.46 -23.73 -14.69
C GLN A 122 8.70 -22.93 -15.11
N GLY A 123 9.44 -22.39 -14.14
CA GLY A 123 10.71 -21.69 -14.38
C GLY A 123 10.53 -20.23 -14.77
N TRP A 124 9.32 -19.67 -14.60
CA TRP A 124 9.02 -18.25 -14.90
C TRP A 124 8.68 -17.51 -13.61
N GLU A 125 9.21 -16.30 -13.48
CA GLU A 125 8.75 -15.32 -12.47
C GLU A 125 7.62 -14.51 -13.09
N VAL A 126 6.63 -14.17 -12.25
CA VAL A 126 5.38 -13.51 -12.69
C VAL A 126 5.05 -12.39 -11.71
N ILE A 127 4.68 -11.24 -12.26
CA ILE A 127 4.15 -10.10 -11.48
C ILE A 127 2.87 -9.60 -12.14
N PHE A 128 2.11 -8.87 -11.34
CA PHE A 128 0.84 -8.21 -11.72
C PHE A 128 0.93 -6.75 -11.34
N SER A 129 0.42 -5.88 -12.20
CA SER A 129 0.55 -4.43 -12.00
C SER A 129 -0.76 -3.74 -12.39
N LEU A 130 -1.01 -2.62 -11.74
CA LEU A 130 -1.91 -1.61 -12.32
C LEU A 130 -1.20 -0.99 -13.52
N THR A 131 -1.93 -0.92 -14.63
CA THR A 131 -1.40 -0.43 -15.91
C THR A 131 -2.35 0.60 -16.51
N ALA A 132 -1.74 1.46 -17.32
CA ALA A 132 -2.46 2.41 -18.19
C ALA A 132 -1.61 2.67 -19.43
N ASP A 133 -2.22 3.34 -20.40
CA ASP A 133 -1.66 3.55 -21.75
C ASP A 133 -1.13 4.97 -21.78
N PRO A 134 0.20 5.17 -21.96
CA PRO A 134 0.75 6.51 -22.10
C PRO A 134 0.38 7.21 -23.41
N HIS A 135 -0.17 6.48 -24.39
CA HIS A 135 -0.46 6.99 -25.76
C HIS A 135 -1.97 6.85 -26.05
N ALA A 136 -2.81 7.24 -25.08
CA ALA A 136 -4.29 7.06 -25.10
C ALA A 136 -5.04 8.37 -24.93
N GLY A 137 -4.34 9.50 -24.77
CA GLY A 137 -4.98 10.84 -24.77
C GLY A 137 -5.01 11.47 -23.39
N TYR A 138 -5.06 10.65 -22.31
CA TYR A 138 -5.06 11.14 -20.91
C TYR A 138 -3.63 11.21 -20.38
N VAL A 139 -3.42 12.12 -19.42
CA VAL A 139 -2.10 12.39 -18.80
C VAL A 139 -1.88 11.44 -17.62
N PHE A 140 -0.63 11.36 -17.17
CA PHE A 140 -0.20 10.40 -16.13
C PHE A 140 -1.05 10.56 -14.87
N ASP A 141 -1.34 11.78 -14.44
CA ASP A 141 -2.02 12.03 -13.15
C ASP A 141 -3.51 11.67 -13.25
N ASP A 142 -4.01 11.42 -14.46
CA ASP A 142 -5.44 11.11 -14.70
C ASP A 142 -5.58 9.62 -15.05
N ARG A 143 -4.55 8.81 -14.88
CA ARG A 143 -4.57 7.39 -15.32
C ARG A 143 -5.41 6.51 -14.39
N HIS A 144 -5.68 6.90 -13.14
CA HIS A 144 -6.19 5.95 -12.11
C HIS A 144 -7.54 5.37 -12.55
N VAL A 145 -8.43 6.18 -13.11
CA VAL A 145 -9.78 5.70 -13.51
C VAL A 145 -9.68 4.81 -14.76
N HIS A 146 -8.52 4.73 -15.43
CA HIS A 146 -8.30 3.88 -16.63
C HIS A 146 -7.53 2.61 -16.27
N ALA A 147 -7.25 2.37 -14.98
CA ALA A 147 -6.35 1.26 -14.60
C ALA A 147 -6.91 -0.09 -15.02
N ARG A 148 -6.05 -0.91 -15.61
CA ARG A 148 -6.31 -2.34 -15.89
C ARG A 148 -5.21 -3.15 -15.24
N ILE A 149 -5.54 -4.29 -14.68
CA ILE A 149 -4.49 -5.20 -14.18
C ILE A 149 -3.87 -5.92 -15.38
N GLY A 150 -2.55 -5.83 -15.45
CA GLY A 150 -1.74 -6.52 -16.45
C GLY A 150 -0.79 -7.48 -15.79
N PHE A 151 -0.16 -8.34 -16.57
CA PHE A 151 0.83 -9.29 -16.03
C PHE A 151 2.10 -9.19 -16.87
N PHE A 152 3.22 -9.43 -16.21
CA PHE A 152 4.55 -9.49 -16.83
C PHE A 152 5.20 -10.78 -16.35
N TYR A 153 6.17 -11.27 -17.13
CA TYR A 153 6.89 -12.51 -16.76
C TYR A 153 8.34 -12.41 -17.26
N ARG A 154 9.19 -13.22 -16.67
CA ARG A 154 10.61 -13.33 -17.10
C ARG A 154 11.14 -14.66 -16.58
N LYS A 155 12.21 -15.15 -17.21
CA LYS A 155 12.80 -16.42 -16.76
C LYS A 155 13.27 -16.29 -15.30
N ALA A 156 13.04 -17.31 -14.49
CA ALA A 156 13.48 -17.36 -13.09
C ALA A 156 14.99 -17.60 -13.03
N GLY A 157 15.61 -17.25 -11.91
CA GLY A 157 16.95 -17.74 -11.53
C GLY A 157 18.08 -16.99 -12.21
N ILE A 158 17.86 -15.75 -12.65
CA ILE A 158 18.94 -14.88 -13.23
C ILE A 158 19.22 -13.76 -12.25
N PRO A 159 20.48 -13.56 -11.79
CA PRO A 159 20.79 -12.43 -10.90
C PRO A 159 20.41 -11.11 -11.55
N ALA A 160 19.94 -10.14 -10.77
CA ALA A 160 19.45 -8.84 -11.26
C ALA A 160 20.45 -8.20 -12.23
N ASN A 161 21.74 -8.21 -11.89
CA ASN A 161 22.78 -7.49 -12.66
C ASN A 161 23.11 -8.23 -13.95
N GLN A 162 22.58 -9.44 -14.16
CA GLN A 162 22.75 -10.20 -15.43
C GLN A 162 21.50 -10.09 -16.32
N ARG A 163 20.43 -9.49 -15.80
CA ARG A 163 19.21 -9.19 -16.60
C ARG A 163 19.39 -7.85 -17.30
N PRO A 164 18.55 -7.54 -18.32
CA PRO A 164 18.51 -6.21 -18.90
C PRO A 164 18.28 -5.19 -17.78
N ILE A 165 18.72 -3.96 -17.96
CA ILE A 165 18.63 -2.91 -16.91
C ILE A 165 17.16 -2.69 -16.52
N ASP A 166 16.21 -2.90 -17.44
CA ASP A 166 14.77 -2.65 -17.15
C ASP A 166 14.19 -3.81 -16.33
N GLY A 167 14.97 -4.83 -15.98
CA GLY A 167 14.49 -6.01 -15.23
C GLY A 167 14.03 -7.12 -16.15
N GLY A 168 13.96 -6.90 -17.46
CA GLY A 168 13.64 -7.97 -18.43
C GLY A 168 12.22 -8.48 -18.32
N TRP A 169 11.29 -7.69 -17.78
CA TRP A 169 9.86 -8.09 -17.72
C TRP A 169 9.26 -8.08 -19.12
N ILE A 170 8.58 -9.16 -19.48
CA ILE A 170 7.82 -9.29 -20.76
C ILE A 170 6.35 -9.03 -20.44
N TYR A 171 5.76 -8.03 -21.08
CA TYR A 171 4.35 -7.64 -20.87
C TYR A 171 3.44 -8.64 -21.59
N GLY A 172 2.57 -9.31 -20.85
CA GLY A 172 1.62 -10.29 -21.39
C GLY A 172 0.32 -9.64 -21.85
N GLY A 173 0.03 -8.42 -21.40
CA GLY A 173 -1.22 -7.71 -21.70
C GLY A 173 -2.15 -7.73 -20.50
N HIS A 174 -3.38 -7.36 -20.74
CA HIS A 174 -4.42 -7.31 -19.69
C HIS A 174 -4.64 -8.71 -19.13
N LEU A 175 -4.79 -8.83 -17.82
CA LEU A 175 -5.07 -10.13 -17.18
C LEU A 175 -6.53 -10.54 -17.36
N PHE A 176 -7.45 -9.59 -17.25
CA PHE A 176 -8.89 -9.89 -17.24
C PHE A 176 -9.49 -9.62 -18.60
N PRO A 177 -10.44 -10.46 -19.06
CA PRO A 177 -11.19 -10.14 -20.27
C PRO A 177 -11.83 -8.75 -20.16
N ASP A 178 -11.90 -8.05 -21.28
CA ASP A 178 -12.60 -6.74 -21.35
C ASP A 178 -14.03 -6.96 -20.85
N GLY A 179 -14.50 -6.07 -19.98
CA GLY A 179 -15.89 -6.06 -19.52
C GLY A 179 -16.19 -7.05 -18.41
N SER A 180 -15.23 -7.89 -17.99
CA SER A 180 -15.46 -8.92 -16.96
C SER A 180 -15.58 -8.26 -15.57
N SER A 181 -14.68 -7.35 -15.23
CA SER A 181 -14.64 -6.73 -13.88
C SER A 181 -15.89 -5.88 -13.65
N VAL A 182 -16.31 -5.11 -14.65
CA VAL A 182 -17.35 -4.07 -14.45
C VAL A 182 -18.70 -4.72 -14.13
N LYS A 183 -18.87 -6.00 -14.41
CA LYS A 183 -20.14 -6.72 -14.14
C LYS A 183 -20.49 -6.68 -12.65
N VAL A 184 -19.52 -6.52 -11.75
CA VAL A 184 -19.82 -6.53 -10.30
C VAL A 184 -20.72 -5.34 -9.95
N PHE A 185 -20.79 -4.27 -10.75
CA PHE A 185 -21.55 -3.03 -10.43
C PHE A 185 -23.00 -3.08 -10.92
N GLY A 186 -23.34 -3.97 -11.84
CA GLY A 186 -24.67 -4.03 -12.44
C GLY A 186 -24.98 -2.72 -13.15
N ASN A 187 -26.26 -2.35 -13.21
CA ASN A 187 -26.74 -1.18 -14.00
C ASN A 187 -26.83 0.03 -13.07
N VAL A 188 -25.68 0.57 -12.69
CA VAL A 188 -25.56 1.86 -11.96
C VAL A 188 -25.03 2.89 -12.92
N PRO A 189 -25.43 4.18 -12.78
CA PRO A 189 -24.83 5.25 -13.57
C PRO A 189 -23.31 5.24 -13.33
N MET A 190 -22.56 5.42 -14.42
CA MET A 190 -21.09 5.22 -14.44
C MET A 190 -20.50 5.90 -15.66
N THR A 191 -19.33 6.51 -15.51
CA THR A 191 -18.51 7.11 -16.60
C THR A 191 -17.22 6.32 -16.82
N GLN A 192 -16.69 5.66 -15.79
CA GLN A 192 -15.43 4.89 -15.87
C GLN A 192 -15.49 3.76 -14.85
N ASN A 193 -14.78 2.68 -15.14
CA ASN A 193 -14.50 1.65 -14.12
C ASN A 193 -13.00 1.35 -14.20
N ALA A 194 -12.43 0.96 -13.07
CA ALA A 194 -10.99 0.62 -12.98
C ALA A 194 -10.80 -0.65 -12.14
N GLU A 195 -9.66 -1.27 -12.37
CA GLU A 195 -9.18 -2.44 -11.62
C GLU A 195 -8.01 -1.97 -10.77
N TRP A 196 -8.19 -1.91 -9.46
CA TRP A 196 -7.17 -1.42 -8.50
C TRP A 196 -6.60 -2.61 -7.72
N SER A 197 -5.71 -2.34 -6.78
CA SER A 197 -4.72 -3.32 -6.28
C SER A 197 -5.36 -4.39 -5.40
N GLY A 198 -4.58 -5.48 -5.29
CA GLY A 198 -4.84 -6.53 -4.30
C GLY A 198 -3.67 -7.47 -4.25
N GLY A 199 -3.90 -8.74 -4.54
CA GLY A 199 -2.83 -9.74 -4.52
C GLY A 199 -3.24 -10.95 -5.28
N ALA A 200 -2.26 -11.72 -5.74
CA ALA A 200 -2.46 -12.96 -6.50
C ALA A 200 -2.07 -14.14 -5.63
N ARG A 201 -2.93 -15.17 -5.61
CA ARG A 201 -2.69 -16.36 -4.78
C ARG A 201 -2.72 -17.57 -5.69
N PHE A 202 -1.61 -18.28 -5.72
CA PHE A 202 -1.52 -19.59 -6.41
C PHE A 202 -2.19 -20.64 -5.53
N VAL A 203 -3.22 -21.31 -6.07
CA VAL A 203 -4.21 -22.16 -5.32
C VAL A 203 -4.37 -23.52 -6.00
N LYS A 212 -11.84 -27.08 -9.77
CA LYS A 212 -11.52 -26.13 -10.87
C LYS A 212 -10.24 -26.57 -11.61
N ASN A 213 -10.10 -26.13 -12.86
CA ASN A 213 -8.82 -26.10 -13.63
C ASN A 213 -8.03 -24.83 -13.24
N ASN A 214 -8.66 -23.93 -12.48
CA ASN A 214 -8.07 -22.63 -12.09
C ASN A 214 -7.01 -22.85 -11.02
N ASN A 215 -5.88 -22.15 -11.14
CA ASN A 215 -4.77 -22.30 -10.18
C ASN A 215 -4.38 -20.92 -9.63
N VAL A 216 -5.04 -19.85 -10.07
CA VAL A 216 -4.71 -18.48 -9.55
C VAL A 216 -6.00 -17.76 -9.19
N SER A 217 -6.05 -17.28 -7.94
CA SER A 217 -7.12 -16.39 -7.44
C SER A 217 -6.56 -14.96 -7.39
N LEU A 218 -7.19 -14.05 -8.10
CA LEU A 218 -6.81 -12.62 -8.08
C LEU A 218 -7.81 -11.89 -7.18
N TYR A 219 -7.35 -11.46 -6.02
CA TYR A 219 -8.12 -10.58 -5.11
C TYR A 219 -7.75 -9.15 -5.48
N TYR A 220 -8.73 -8.30 -5.78
CA TYR A 220 -8.39 -6.94 -6.26
C TYR A 220 -9.53 -6.02 -5.84
N THR A 221 -9.45 -4.76 -6.23
CA THR A 221 -10.50 -3.75 -5.92
C THR A 221 -11.15 -3.32 -7.22
N ALA A 222 -12.40 -3.67 -7.43
CA ALA A 222 -13.17 -3.12 -8.57
C ALA A 222 -13.64 -1.72 -8.17
N THR A 223 -13.46 -0.71 -9.01
CA THR A 223 -13.92 0.67 -8.71
C THR A 223 -14.75 1.21 -9.88
N SER A 224 -15.84 1.88 -9.54
CA SER A 224 -16.75 2.52 -10.52
C SER A 224 -16.84 4.02 -10.19
N PHE A 225 -16.76 4.86 -11.21
CA PHE A 225 -16.79 6.34 -11.05
C PHE A 225 -17.92 6.89 -11.91
N ASN A 226 -18.53 7.93 -11.42
CA ASN A 226 -19.60 8.68 -12.12
C ASN A 226 -19.24 10.15 -12.00
N ARG A 227 -18.42 10.65 -12.93
CA ARG A 227 -17.75 11.97 -12.78
C ARG A 227 -18.13 12.87 -13.96
N ASN A 228 -18.30 14.14 -13.67
CA ASN A 228 -18.34 15.22 -14.70
C ASN A 228 -16.95 15.32 -15.33
N ALA A 229 -16.82 16.06 -16.43
CA ALA A 229 -15.57 16.15 -17.21
C ALA A 229 -14.49 16.88 -16.40
N GLN A 230 -14.88 17.61 -15.35
CA GLN A 230 -13.94 18.34 -14.45
C GLN A 230 -13.41 17.42 -13.33
N GLY A 231 -13.91 16.18 -13.23
CA GLY A 231 -13.44 15.18 -12.26
C GLY A 231 -14.26 15.15 -10.98
N GLY A 232 -15.30 15.99 -10.86
CA GLY A 232 -16.21 15.99 -9.70
C GLY A 232 -17.13 14.77 -9.71
N ASN A 233 -17.41 14.21 -8.53
CA ASN A 233 -18.31 13.05 -8.39
C ASN A 233 -19.76 13.48 -8.52
N ILE A 234 -20.48 12.90 -9.48
CA ILE A 234 -21.96 13.05 -9.64
C ILE A 234 -22.62 12.19 -8.58
N THR A 235 -22.14 10.96 -8.42
CA THR A 235 -22.47 10.07 -7.29
C THR A 235 -21.14 9.62 -6.71
N PRO A 236 -21.06 9.19 -5.44
CA PRO A 236 -19.79 8.76 -4.87
C PRO A 236 -19.23 7.55 -5.61
N PRO A 237 -17.90 7.44 -5.73
CA PRO A 237 -17.28 6.24 -6.28
C PRO A 237 -17.76 4.99 -5.55
N ILE A 238 -17.81 3.87 -6.25
CA ILE A 238 -18.15 2.55 -5.67
C ILE A 238 -16.87 1.72 -5.69
N ALA A 239 -16.52 1.15 -4.55
CA ALA A 239 -15.33 0.29 -4.43
C ALA A 239 -15.76 -1.04 -3.85
N ILE A 240 -15.48 -2.15 -4.54
CA ILE A 240 -15.85 -3.51 -4.12
C ILE A 240 -14.61 -4.38 -4.15
N ILE A 241 -14.18 -4.89 -3.01
CA ILE A 241 -13.12 -5.92 -2.98
C ILE A 241 -13.72 -7.18 -3.60
N SER A 242 -13.06 -7.67 -4.65
CA SER A 242 -13.58 -8.74 -5.54
C SER A 242 -12.53 -9.83 -5.77
N ARG A 243 -13.00 -10.96 -6.28
CA ARG A 243 -12.11 -12.10 -6.62
C ARG A 243 -12.44 -12.57 -8.02
N ALA A 244 -11.42 -12.89 -8.80
CA ALA A 244 -11.59 -13.60 -10.09
C ALA A 244 -10.57 -14.71 -10.15
N ASP A 245 -11.01 -15.90 -10.54
CA ASP A 245 -10.14 -17.09 -10.65
C ASP A 245 -9.78 -17.37 -12.11
N GLY A 246 -8.56 -17.80 -12.34
CA GLY A 246 -8.11 -18.19 -13.68
C GLY A 246 -6.98 -19.19 -13.61
N GLN A 247 -6.38 -19.45 -14.76
CA GLN A 247 -5.37 -20.53 -14.90
C GLN A 247 -4.12 -19.95 -15.53
N ILE A 248 -3.00 -20.03 -14.85
CA ILE A 248 -1.67 -19.70 -15.42
C ILE A 248 -1.20 -20.92 -16.22
N GLN A 249 -0.70 -20.68 -17.43
CA GLN A 249 -0.14 -21.70 -18.34
C GLN A 249 1.21 -21.18 -18.84
N ALA A 250 2.14 -22.08 -19.15
CA ALA A 250 3.48 -21.67 -19.62
C ALA A 250 4.04 -22.75 -20.53
N ASP A 251 4.86 -22.33 -21.49
CA ASP A 251 5.77 -23.21 -22.27
C ASP A 251 7.14 -22.52 -22.27
N ASP A 252 8.08 -22.96 -23.11
CA ASP A 252 9.44 -22.40 -23.12
C ASP A 252 9.47 -20.96 -23.63
N LYS A 253 8.46 -20.54 -24.41
CA LYS A 253 8.41 -19.22 -25.09
C LYS A 253 7.75 -18.18 -24.17
N HIS A 254 6.53 -18.45 -23.69
CA HIS A 254 5.72 -17.42 -22.98
C HIS A 254 4.89 -18.01 -21.83
N VAL A 255 4.41 -17.09 -20.99
CA VAL A 255 3.38 -17.33 -19.93
C VAL A 255 2.10 -16.71 -20.45
N TRP A 256 0.96 -17.37 -20.23
CA TRP A 256 -0.36 -16.78 -20.53
C TRP A 256 -1.37 -17.25 -19.49
N PHE A 257 -2.52 -16.61 -19.49
CA PHE A 257 -3.62 -16.87 -18.54
C PHE A 257 -4.88 -17.13 -19.35
N THR A 258 -5.71 -18.00 -18.81
CA THR A 258 -7.11 -18.19 -19.26
C THR A 258 -8.04 -17.93 -18.08
N GLY A 259 -9.30 -17.72 -18.36
CA GLY A 259 -10.34 -17.55 -17.34
C GLY A 259 -10.44 -16.12 -16.87
N PHE A 260 -10.70 -15.94 -15.58
CA PHE A 260 -11.08 -14.63 -14.98
C PHE A 260 -12.34 -14.06 -15.64
N ASP A 261 -13.26 -14.92 -16.10
CA ASP A 261 -14.53 -14.45 -16.71
C ASP A 261 -15.55 -14.07 -15.63
N GLN A 262 -15.46 -14.68 -14.45
CA GLN A 262 -16.49 -14.57 -13.38
C GLN A 262 -15.91 -13.81 -12.19
N HIS A 263 -16.30 -12.55 -12.03
CA HIS A 263 -15.82 -11.72 -10.90
C HIS A 263 -16.85 -11.74 -9.77
N LEU A 264 -16.37 -12.11 -8.58
CA LEU A 264 -17.21 -12.28 -7.38
C LEU A 264 -17.02 -11.09 -6.46
N PRO A 265 -18.10 -10.32 -6.17
CA PRO A 265 -18.00 -9.26 -5.18
C PRO A 265 -17.88 -9.94 -3.80
N LEU A 266 -16.88 -9.54 -3.02
CA LEU A 266 -16.65 -10.12 -1.67
C LEU A 266 -17.06 -9.13 -0.58
N LEU A 267 -16.58 -7.88 -0.63
CA LEU A 267 -16.76 -6.92 0.46
C LEU A 267 -16.98 -5.54 -0.11
N ALA A 268 -17.93 -4.83 0.47
CA ALA A 268 -18.12 -3.39 0.24
C ALA A 268 -18.37 -2.78 1.61
N PRO A 269 -17.93 -1.54 1.87
CA PRO A 269 -18.04 -1.02 3.22
C PRO A 269 -19.49 -0.88 3.70
N ASP A 270 -19.66 -1.06 5.02
CA ASP A 270 -21.06 -1.02 5.53
CA ASP A 270 -20.86 -1.21 5.89
C ASP A 270 -21.28 0.18 6.44
N GLY A 271 -20.29 1.02 6.68
CA GLY A 271 -20.48 2.28 7.43
C GLY A 271 -20.59 2.03 8.93
N LYS A 272 -20.24 0.84 9.39
CA LYS A 272 -20.14 0.51 10.84
C LYS A 272 -18.67 0.55 11.25
N TYR A 273 -17.85 -0.26 10.59
CA TYR A 273 -16.38 -0.33 10.79
C TYR A 273 -15.65 0.44 9.68
N TYR A 274 -16.17 0.42 8.44
CA TYR A 274 -15.46 0.96 7.26
C TYR A 274 -16.35 1.99 6.58
N GLN A 275 -15.78 3.15 6.34
CA GLN A 275 -16.49 4.32 5.79
C GLN A 275 -17.01 4.03 4.39
N THR A 276 -18.22 4.51 4.09
CA THR A 276 -18.87 4.40 2.77
C THR A 276 -18.75 5.71 1.99
N GLY A 277 -19.03 5.63 0.69
CA GLY A 277 -19.15 6.83 -0.17
C GLY A 277 -20.27 7.76 0.27
N GLN A 278 -21.31 7.26 0.93
CA GLN A 278 -22.41 8.11 1.46
C GLN A 278 -21.90 8.91 2.65
N GLN A 279 -21.05 8.30 3.48
CA GLN A 279 -20.43 9.00 4.62
C GLN A 279 -19.39 10.01 4.15
N ASN A 280 -18.67 9.71 3.07
CA ASN A 280 -17.54 10.51 2.60
C ASN A 280 -17.29 10.17 1.13
N GLU A 281 -17.56 11.08 0.19
CA GLU A 281 -17.38 10.77 -1.24
C GLU A 281 -15.91 10.45 -1.52
N PHE A 282 -14.99 10.92 -0.68
CA PHE A 282 -13.53 10.74 -0.85
C PHE A 282 -13.01 9.54 -0.05
N PHE A 283 -13.90 8.65 0.40
CA PHE A 283 -13.50 7.46 1.18
C PHE A 283 -12.51 6.61 0.40
N SER A 284 -11.71 5.87 1.14
CA SER A 284 -10.80 4.83 0.60
C SER A 284 -11.29 3.47 1.10
N PHE A 285 -11.30 2.50 0.21
CA PHE A 285 -11.66 1.11 0.54
C PHE A 285 -11.08 0.23 -0.56
N ARG A 286 -9.98 -0.46 -0.29
CA ARG A 286 -9.24 -1.14 -1.37
C ARG A 286 -8.12 -2.00 -0.80
N ASP A 287 -7.46 -2.74 -1.67
CA ASP A 287 -6.11 -3.33 -1.48
C ASP A 287 -6.16 -4.57 -0.57
N PRO A 288 -6.89 -5.62 -0.96
CA PRO A 288 -6.91 -6.86 -0.18
C PRO A 288 -5.59 -7.64 -0.22
N TYR A 289 -5.07 -7.97 0.95
CA TYR A 289 -3.91 -8.87 1.17
C TYR A 289 -4.45 -10.09 1.90
N VAL A 290 -4.61 -11.21 1.18
CA VAL A 290 -5.21 -12.47 1.70
C VAL A 290 -4.10 -13.37 2.24
N PHE A 291 -4.27 -13.92 3.43
CA PHE A 291 -3.16 -14.66 4.06
C PHE A 291 -3.68 -15.63 5.11
N LEU A 292 -2.80 -16.57 5.43
CA LEU A 292 -3.00 -17.57 6.50
C LEU A 292 -2.16 -17.18 7.70
N ASP A 293 -2.80 -17.10 8.86
CA ASP A 293 -2.13 -16.86 10.14
C ASP A 293 -1.85 -18.20 10.81
N PRO A 294 -0.57 -18.59 11.01
CA PRO A 294 -0.27 -19.88 11.63
C PRO A 294 -0.92 -20.07 13.01
N ALA A 295 -1.27 -18.97 13.68
CA ALA A 295 -1.91 -18.99 15.01
C ALA A 295 -3.38 -19.42 14.91
N HIS A 296 -3.98 -19.32 13.72
CA HIS A 296 -5.40 -19.64 13.46
C HIS A 296 -5.47 -20.50 12.20
N PRO A 297 -4.97 -21.74 12.24
CA PRO A 297 -5.09 -22.61 11.08
C PRO A 297 -6.58 -22.93 10.90
N GLY A 298 -6.99 -23.13 9.66
CA GLY A 298 -8.40 -23.36 9.33
C GLY A 298 -9.11 -22.06 8.97
N LYS A 299 -8.50 -20.90 9.26
CA LYS A 299 -9.07 -19.59 8.85
C LYS A 299 -8.23 -18.99 7.72
N THR A 300 -8.88 -18.22 6.87
CA THR A 300 -8.18 -17.33 5.91
C THR A 300 -8.61 -15.91 6.20
N PHE A 301 -7.63 -15.02 6.34
CA PHE A 301 -7.85 -13.62 6.70
C PHE A 301 -7.46 -12.74 5.52
N MET A 302 -7.87 -11.48 5.64
CA MET A 302 -7.57 -10.45 4.65
C MET A 302 -7.39 -9.14 5.41
N VAL A 303 -6.29 -8.43 5.18
CA VAL A 303 -6.21 -7.01 5.57
C VAL A 303 -6.42 -6.14 4.33
N PHE A 304 -6.89 -4.93 4.54
CA PHE A 304 -7.21 -3.99 3.45
C PHE A 304 -7.23 -2.58 4.01
N GLU A 305 -7.21 -1.60 3.12
CA GLU A 305 -7.30 -0.18 3.48
C GLU A 305 -8.76 0.21 3.62
N GLY A 306 -9.06 0.93 4.69
CA GLY A 306 -10.35 1.58 4.87
C GLY A 306 -10.20 2.98 5.42
N ASN A 307 -11.34 3.54 5.79
CA ASN A 307 -11.40 4.77 6.59
C ASN A 307 -12.34 4.48 7.75
N THR A 308 -12.14 5.18 8.85
CA THR A 308 -13.05 5.10 10.00
C THR A 308 -14.46 5.52 9.57
N ALA A 309 -15.46 4.77 10.03
CA ALA A 309 -16.85 4.88 9.55
C ALA A 309 -17.57 6.01 10.30
N VAL A 310 -17.27 7.22 9.87
CA VAL A 310 -17.94 8.44 10.39
C VAL A 310 -18.49 9.23 9.22
N GLN A 311 -19.62 9.97 9.41
CA GLN A 311 -19.98 11.04 8.46
C GLN A 311 -18.83 12.08 8.37
N ARG A 312 -18.44 12.44 7.15
CA ARG A 312 -17.38 13.45 6.91
C ARG A 312 -17.65 14.71 7.73
N GLY A 313 -16.63 15.21 8.42
CA GLY A 313 -16.72 16.47 9.20
C GLY A 313 -17.18 16.24 10.63
N SER A 314 -17.46 15.00 11.01
CA SER A 314 -17.79 14.68 12.43
C SER A 314 -16.59 14.99 13.32
N ARG A 315 -16.86 15.49 14.52
CA ARG A 315 -15.80 15.80 15.51
C ARG A 315 -15.56 14.56 16.37
N SER A 316 -14.97 13.53 15.78
CA SER A 316 -15.03 12.13 16.32
C SER A 316 -13.70 11.68 16.92
N CYS A 317 -12.63 12.47 16.80
CA CYS A 317 -11.33 12.06 17.41
C CYS A 317 -11.44 12.09 18.93
N THR A 318 -10.63 11.28 19.59
CA THR A 318 -10.66 11.07 21.05
C THR A 318 -9.27 11.31 21.62
N GLU A 319 -9.19 11.40 22.93
CA GLU A 319 -7.88 11.51 23.63
C GLU A 319 -6.97 10.33 23.24
N ALA A 320 -7.53 9.14 23.01
CA ALA A 320 -6.72 7.95 22.67
C ALA A 320 -6.08 8.13 21.28
N ASP A 321 -6.69 8.90 20.37
CA ASP A 321 -6.08 9.16 19.03
C ASP A 321 -4.90 10.11 19.20
N LEU A 322 -5.00 11.04 20.15
CA LEU A 322 -3.90 11.99 20.44
C LEU A 322 -2.75 11.26 21.12
N GLY A 323 -3.03 10.46 22.14
CA GLY A 323 -2.07 9.50 22.71
C GLY A 323 -1.13 10.10 23.75
N TYR A 324 -1.56 11.15 24.46
CA TYR A 324 -0.75 11.75 25.55
C TYR A 324 -1.27 11.23 26.90
N SER A 325 -0.36 11.17 27.87
CA SER A 325 -0.70 11.07 29.32
C SER A 325 -1.56 12.26 29.71
N PRO A 326 -2.62 12.08 30.53
CA PRO A 326 -3.48 13.19 30.92
C PRO A 326 -2.72 14.24 31.76
N ASN A 327 -1.59 13.84 32.36
CA ASN A 327 -0.73 14.72 33.20
C ASN A 327 0.52 15.16 32.43
N ASP A 328 0.60 14.86 31.13
CA ASP A 328 1.72 15.35 30.27
C ASP A 328 1.50 16.85 30.10
N PRO A 329 2.37 17.71 30.68
CA PRO A 329 2.15 19.15 30.57
C PRO A 329 2.22 19.64 29.11
N ASN A 330 2.81 18.85 28.22
CA ASN A 330 2.98 19.19 26.77
C ASN A 330 1.93 18.46 25.91
N LYS A 331 0.87 17.90 26.49
CA LYS A 331 -0.18 17.24 25.67
C LYS A 331 -0.84 18.26 24.73
N GLU A 332 -1.25 17.83 23.54
CA GLU A 332 -2.15 18.64 22.68
C GLU A 332 -3.57 18.64 23.24
N ASP A 333 -4.34 19.66 22.88
CA ASP A 333 -5.75 19.83 23.28
C ASP A 333 -6.61 19.19 22.19
N LEU A 334 -7.50 18.29 22.58
CA LEU A 334 -8.36 17.54 21.62
C LEU A 334 -9.17 18.52 20.77
N ASN A 335 -9.85 19.49 21.37
CA ASN A 335 -10.71 20.41 20.60
C ASN A 335 -9.87 21.29 19.67
N ALA A 336 -8.67 21.71 20.09
CA ALA A 336 -7.76 22.48 19.21
C ALA A 336 -7.34 21.62 18.01
N VAL A 337 -7.01 20.36 18.25
CA VAL A 337 -6.59 19.44 17.15
C VAL A 337 -7.75 19.28 16.17
N MET A 338 -8.96 19.06 16.66
CA MET A 338 -10.12 18.89 15.74
C MET A 338 -10.40 20.23 15.02
N ASP A 339 -10.25 21.36 15.71
CA ASP A 339 -10.48 22.69 15.07
C ASP A 339 -9.48 22.93 13.95
N SER A 340 -8.28 22.37 14.03
CA SER A 340 -7.20 22.56 13.02
C SER A 340 -7.52 21.79 11.74
N GLY A 341 -8.54 20.93 11.74
CA GLY A 341 -8.97 20.19 10.53
C GLY A 341 -8.53 18.73 10.53
N ALA A 342 -7.95 18.25 11.61
CA ALA A 342 -7.40 16.88 11.69
C ALA A 342 -8.51 15.83 11.58
N ILE A 343 -9.78 16.22 11.77
CA ILE A 343 -10.95 15.29 11.66
C ILE A 343 -11.11 14.80 10.21
N TYR A 344 -10.42 15.40 9.24
CA TYR A 344 -10.52 14.94 7.84
C TYR A 344 -9.50 13.84 7.52
N GLN A 345 -8.73 13.41 8.51
CA GLN A 345 -7.71 12.35 8.35
C GLN A 345 -8.14 11.17 9.23
N MET A 346 -8.66 10.13 8.62
CA MET A 346 -9.36 8.99 9.30
C MET A 346 -8.93 7.63 8.75
N ALA A 347 -7.64 7.37 8.55
CA ALA A 347 -7.18 6.07 7.99
C ALA A 347 -7.54 4.92 8.91
N ASN A 348 -7.85 3.78 8.32
CA ASN A 348 -7.74 2.53 9.10
C ASN A 348 -7.24 1.39 8.22
N VAL A 349 -6.78 0.35 8.90
CA VAL A 349 -6.45 -0.97 8.29
C VAL A 349 -7.52 -1.92 8.78
N GLY A 350 -8.26 -2.48 7.84
CA GLY A 350 -9.35 -3.42 8.12
C GLY A 350 -8.87 -4.85 8.16
N LEU A 351 -9.67 -5.69 8.80
CA LEU A 351 -9.50 -7.14 8.80
C LEU A 351 -10.82 -7.78 8.41
N ALA A 352 -10.75 -8.83 7.59
CA ALA A 352 -11.92 -9.65 7.24
C ALA A 352 -11.48 -11.11 7.31
N VAL A 353 -12.47 -11.97 7.43
CA VAL A 353 -12.24 -13.43 7.51
C VAL A 353 -13.22 -14.15 6.59
N ALA A 354 -12.74 -15.21 5.96
CA ALA A 354 -13.59 -16.04 5.09
C ALA A 354 -14.56 -16.82 5.96
N THR A 355 -15.78 -16.99 5.46
CA THR A 355 -16.84 -17.70 6.22
C THR A 355 -17.25 -18.99 5.51
N ASN A 356 -16.70 -19.32 4.34
CA ASN A 356 -16.90 -20.67 3.76
C ASN A 356 -15.55 -21.25 3.36
N ASP A 357 -15.51 -22.54 3.08
CA ASP A 357 -14.26 -23.27 2.72
C ASP A 357 -13.71 -22.75 1.38
N GLU A 358 -14.60 -22.38 0.46
CA GLU A 358 -14.26 -21.96 -0.93
C GLU A 358 -13.66 -20.55 -0.92
N LEU A 359 -13.78 -19.80 0.19
CA LEU A 359 -13.29 -18.40 0.32
C LEU A 359 -14.05 -17.49 -0.63
N THR A 360 -15.32 -17.77 -0.89
CA THR A 360 -16.17 -16.92 -1.76
C THR A 360 -17.11 -16.08 -0.89
N GLN A 361 -17.14 -16.31 0.43
CA GLN A 361 -17.94 -15.51 1.39
C GLN A 361 -17.01 -14.99 2.47
N TRP A 362 -17.13 -13.70 2.78
CA TRP A 362 -16.24 -13.02 3.74
C TRP A 362 -17.08 -12.17 4.66
N LYS A 363 -16.57 -11.90 5.84
CA LYS A 363 -17.21 -10.88 6.69
C LYS A 363 -16.15 -10.01 7.35
N PHE A 364 -16.55 -8.81 7.63
CA PHE A 364 -15.70 -7.80 8.29
C PHE A 364 -15.52 -8.16 9.75
N LEU A 365 -14.32 -7.89 10.24
CA LEU A 365 -13.99 -7.83 11.67
C LEU A 365 -13.61 -6.40 11.99
N PRO A 366 -13.48 -6.03 13.28
CA PRO A 366 -13.11 -4.67 13.62
C PRO A 366 -11.74 -4.32 13.05
N PRO A 367 -11.49 -3.01 12.80
CA PRO A 367 -10.20 -2.62 12.24
C PRO A 367 -9.05 -2.98 13.18
N ILE A 368 -7.88 -3.28 12.65
CA ILE A 368 -6.68 -3.61 13.47
C ILE A 368 -5.82 -2.38 13.72
N LEU A 369 -5.94 -1.31 12.94
CA LEU A 369 -5.13 -0.09 13.16
C LEU A 369 -5.94 1.09 12.71
N SER A 370 -5.91 2.18 13.46
CA SER A 370 -6.53 3.46 13.05
C SER A 370 -5.49 4.57 13.16
N GLY A 371 -5.62 5.56 12.29
CA GLY A 371 -4.78 6.77 12.27
C GLY A 371 -5.65 8.00 12.33
N ASN A 372 -6.72 7.97 13.11
CA ASN A 372 -7.66 9.12 13.20
C ASN A 372 -6.91 10.35 13.73
N CYS A 373 -7.13 11.50 13.09
CA CYS A 373 -6.45 12.80 13.35
C CYS A 373 -4.93 12.66 13.17
N VAL A 374 -4.47 11.69 12.35
CA VAL A 374 -3.03 11.51 12.01
C VAL A 374 -2.83 11.52 10.50
N ASN A 375 -3.45 10.58 9.79
CA ASN A 375 -3.29 10.54 8.33
C ASN A 375 -4.56 9.91 7.77
N ASP A 376 -4.97 10.33 6.57
CA ASP A 376 -6.18 9.76 5.91
C ASP A 376 -5.86 8.46 5.18
N GLN A 377 -4.59 8.15 4.96
CA GLN A 377 -4.24 6.98 4.14
C GLN A 377 -3.31 5.98 4.83
N THR A 378 -3.79 4.75 4.89
CA THR A 378 -2.95 3.58 5.25
C THR A 378 -3.26 2.55 4.17
N GLU A 379 -2.46 2.55 3.11
CA GLU A 379 -2.80 1.84 1.85
C GLU A 379 -2.00 0.55 1.78
N ARG A 380 -2.42 -0.33 0.88
CA ARG A 380 -1.77 -1.63 0.61
C ARG A 380 -1.21 -2.25 1.89
N PRO A 381 -2.04 -2.45 2.93
CA PRO A 381 -1.52 -3.10 4.14
C PRO A 381 -1.14 -4.55 3.84
N GLN A 382 -0.15 -5.03 4.58
CA GLN A 382 0.26 -6.45 4.48
C GLN A 382 0.70 -6.92 5.86
N ILE A 383 0.45 -8.19 6.13
CA ILE A 383 0.97 -8.84 7.37
C ILE A 383 2.16 -9.66 6.94
N TYR A 384 3.31 -9.31 7.50
CA TYR A 384 4.62 -9.90 7.17
C TYR A 384 5.11 -10.65 8.39
N LEU A 385 5.25 -11.97 8.26
CA LEU A 385 5.62 -12.82 9.43
C LEU A 385 7.15 -12.95 9.50
N LYS A 386 7.74 -12.67 10.66
CA LYS A 386 9.20 -12.82 10.83
C LYS A 386 9.45 -13.23 12.27
N ASP A 387 10.05 -14.41 12.47
CA ASP A 387 10.55 -14.87 13.79
C ASP A 387 9.41 -14.87 14.82
N GLY A 388 8.23 -15.32 14.42
CA GLY A 388 7.05 -15.46 15.29
C GLY A 388 6.39 -14.13 15.60
N LYS A 389 6.87 -13.03 15.02
CA LYS A 389 6.28 -11.68 15.17
C LYS A 389 5.43 -11.38 13.95
N TYR A 390 4.53 -10.43 14.13
CA TYR A 390 3.59 -9.95 13.09
C TYR A 390 3.91 -8.51 12.75
N TYR A 391 4.46 -8.28 11.56
CA TYR A 391 4.72 -6.91 11.06
C TYR A 391 3.54 -6.49 10.21
N LEU A 392 2.94 -5.36 10.57
CA LEU A 392 1.95 -4.70 9.70
C LEU A 392 2.68 -3.59 8.96
N PHE A 393 2.81 -3.70 7.65
CA PHE A 393 3.39 -2.65 6.78
C PHE A 393 2.26 -2.05 5.96
N THR A 394 2.27 -0.73 5.84
CA THR A 394 1.24 0.03 5.11
C THR A 394 1.89 1.29 4.56
N ILE A 395 1.40 1.75 3.41
CA ILE A 395 2.02 2.92 2.73
C ILE A 395 1.20 4.17 3.02
N SER A 396 1.84 5.31 3.09
CA SER A 396 1.12 6.58 3.29
C SER A 396 1.87 7.73 2.62
N ARG A 397 1.19 8.87 2.61
CA ARG A 397 1.60 10.07 1.84
C ARG A 397 1.83 11.23 2.81
N ARG A 398 2.83 12.04 2.51
CA ARG A 398 3.05 13.30 3.24
C ARG A 398 1.80 14.20 3.18
N THR A 399 1.17 14.34 2.02
CA THR A 399 0.11 15.37 1.82
C THR A 399 -1.19 14.97 2.53
N THR A 400 -1.32 13.74 3.04
CA THR A 400 -2.56 13.28 3.72
C THR A 400 -2.34 13.20 5.23
N TYR A 401 -1.25 13.74 5.75
CA TYR A 401 -1.12 13.97 7.21
C TYR A 401 -2.11 15.06 7.65
N ALA A 402 -2.60 14.93 8.87
CA ALA A 402 -3.39 15.95 9.58
C ALA A 402 -2.50 17.15 9.93
N ALA A 403 -3.13 18.29 10.11
CA ALA A 403 -2.45 19.50 10.62
C ALA A 403 -1.69 19.15 11.91
N GLY A 404 -0.46 19.60 12.03
CA GLY A 404 0.34 19.45 13.26
C GLY A 404 1.13 18.15 13.29
N VAL A 405 1.03 17.30 12.26
CA VAL A 405 1.81 16.05 12.14
C VAL A 405 2.42 16.03 10.75
N ASP A 406 3.57 15.41 10.60
CA ASP A 406 4.26 15.40 9.28
C ASP A 406 5.12 14.16 9.15
N GLY A 407 5.32 13.76 7.92
CA GLY A 407 6.19 12.64 7.60
C GLY A 407 6.24 12.48 6.10
N PRO A 408 7.13 11.60 5.62
CA PRO A 408 7.36 11.44 4.19
C PRO A 408 6.40 10.44 3.54
N ASP A 409 6.29 10.53 2.24
CA ASP A 409 5.76 9.41 1.44
C ASP A 409 6.64 8.18 1.68
N GLY A 410 6.03 7.02 1.83
CA GLY A 410 6.82 5.79 1.94
C GLY A 410 6.05 4.73 2.66
N VAL A 411 6.79 3.86 3.36
CA VAL A 411 6.18 2.69 4.02
C VAL A 411 6.35 2.85 5.53
N TYR A 412 5.28 2.52 6.21
CA TYR A 412 5.08 2.64 7.67
C TYR A 412 4.96 1.23 8.19
N GLY A 413 5.42 1.00 9.41
CA GLY A 413 5.49 -0.35 9.97
C GLY A 413 5.18 -0.37 11.45
N PHE A 414 4.67 -1.53 11.89
CA PHE A 414 4.17 -1.78 13.26
C PHE A 414 4.45 -3.24 13.56
N VAL A 415 4.77 -3.58 14.81
CA VAL A 415 5.00 -5.00 15.15
C VAL A 415 4.13 -5.40 16.34
N GLY A 416 3.66 -6.64 16.31
CA GLY A 416 2.91 -7.19 17.44
C GLY A 416 3.01 -8.68 17.50
N ASP A 417 2.31 -9.25 18.47
CA ASP A 417 2.34 -10.71 18.72
C ASP A 417 1.19 -11.41 17.98
N GLY A 418 0.35 -10.68 17.25
CA GLY A 418 -0.72 -11.30 16.47
C GLY A 418 -1.24 -10.36 15.40
N ILE A 419 -2.19 -10.85 14.61
CA ILE A 419 -2.80 -10.03 13.54
C ILE A 419 -3.63 -8.92 14.16
N ARG A 420 -4.19 -9.12 15.36
CA ARG A 420 -4.85 -8.03 16.12
C ARG A 420 -4.01 -7.81 17.36
N SER A 421 -3.22 -6.75 17.40
CA SER A 421 -2.25 -6.48 18.49
C SER A 421 -2.41 -5.05 18.97
N ASP A 422 -1.86 -4.73 20.14
CA ASP A 422 -1.55 -3.32 20.44
C ASP A 422 -0.24 -2.99 19.74
N PHE A 423 -0.33 -2.78 18.43
CA PHE A 423 0.84 -2.69 17.52
C PHE A 423 1.82 -1.62 17.99
N ILE A 424 3.09 -2.00 17.97
CA ILE A 424 4.22 -1.11 18.33
C ILE A 424 4.70 -0.44 17.04
N PRO A 425 4.52 0.89 16.89
CA PRO A 425 5.09 1.58 15.73
C PRO A 425 6.61 1.39 15.72
N LEU A 426 7.18 1.07 14.57
CA LEU A 426 8.64 0.84 14.43
C LEU A 426 9.40 2.18 14.58
N ASN A 427 10.68 2.05 14.91
CA ASN A 427 11.71 3.12 14.80
C ASN A 427 11.37 4.26 15.77
N GLY A 428 11.66 4.03 17.05
CA GLY A 428 11.46 5.02 18.11
C GLY A 428 9.98 5.33 18.27
N LEU A 429 9.11 4.32 18.17
CA LEU A 429 7.65 4.43 18.37
C LEU A 429 7.06 5.45 17.39
N SER A 430 7.61 5.55 16.18
CA SER A 430 7.21 6.58 15.19
C SER A 430 6.27 5.98 14.15
N GLY A 431 6.53 4.76 13.72
CA GLY A 431 5.80 4.13 12.61
C GLY A 431 6.51 4.24 11.27
N LEU A 432 7.49 5.13 11.11
CA LEU A 432 8.16 5.23 9.79
C LEU A 432 9.11 4.05 9.60
N THR A 433 9.02 3.35 8.47
CA THR A 433 9.97 2.29 8.06
C THR A 433 10.91 2.86 6.99
N LEU A 434 10.37 3.43 5.92
CA LEU A 434 11.25 3.93 4.84
C LEU A 434 10.56 5.07 4.11
N GLY A 435 11.21 6.21 4.02
CA GLY A 435 10.65 7.38 3.34
C GLY A 435 11.49 7.79 2.17
N ASN A 436 10.88 8.41 1.18
CA ASN A 436 11.62 9.15 0.15
C ASN A 436 12.36 10.31 0.82
N PRO A 437 13.56 10.67 0.31
CA PRO A 437 14.30 11.79 0.88
C PRO A 437 13.45 13.06 0.81
N THR A 438 13.31 13.71 1.95
CA THR A 438 12.29 14.75 2.17
C THR A 438 12.81 15.73 3.21
N ASP A 439 12.59 17.02 2.96
CA ASP A 439 12.84 18.08 3.97
C ASP A 439 11.52 18.39 4.67
N LEU A 440 11.33 17.87 5.89
CA LEU A 440 10.06 18.09 6.64
C LEU A 440 9.99 19.52 7.16
N TYR A 441 11.02 20.34 6.93
CA TYR A 441 11.04 21.76 7.37
C TYR A 441 10.67 22.69 6.21
N GLN A 442 10.32 22.15 5.04
CA GLN A 442 9.86 22.96 3.89
C GLN A 442 8.63 22.31 3.26
N PRO A 443 7.86 23.06 2.46
CA PRO A 443 6.59 22.59 1.92
C PRO A 443 6.71 21.31 1.08
N ALA A 444 5.63 20.53 1.07
CA ALA A 444 5.60 19.20 0.42
C ALA A 444 5.62 19.34 -1.11
N GLY A 445 4.94 20.34 -1.65
CA GLY A 445 4.62 20.39 -3.08
C GLY A 445 3.84 19.17 -3.52
N ALA A 446 3.97 18.82 -4.80
CA ALA A 446 3.21 17.73 -5.45
C ALA A 446 4.04 17.14 -6.56
N PRO A 447 3.84 15.86 -6.93
CA PRO A 447 4.63 15.24 -7.99
C PRO A 447 4.47 15.88 -9.38
N TYR A 448 3.37 16.61 -9.59
CA TYR A 448 3.08 17.36 -10.83
C TYR A 448 3.54 18.83 -10.72
N ALA A 449 3.98 19.27 -9.55
CA ALA A 449 4.45 20.66 -9.31
C ALA A 449 5.39 20.66 -8.10
N LEU A 450 6.64 20.28 -8.34
CA LEU A 450 7.65 20.15 -7.26
C LEU A 450 7.98 21.55 -6.75
N ASN A 451 7.97 21.71 -5.44
CA ASN A 451 8.42 22.98 -4.82
C ASN A 451 9.94 23.03 -4.93
N PRO A 452 10.59 24.09 -5.48
CA PRO A 452 12.04 24.07 -5.59
C PRO A 452 12.80 24.20 -4.25
N ASN A 453 12.07 24.48 -3.17
CA ASN A 453 12.61 24.47 -1.79
C ASN A 453 12.58 23.05 -1.21
N GLN A 454 12.07 22.08 -1.97
CA GLN A 454 11.87 20.69 -1.48
C GLN A 454 12.80 19.77 -2.28
N ASN A 455 13.12 18.62 -1.71
CA ASN A 455 13.94 17.59 -2.38
C ASN A 455 13.23 17.15 -3.66
N PRO A 456 13.87 17.18 -4.84
CA PRO A 456 13.20 16.76 -6.08
C PRO A 456 12.92 15.25 -6.17
N ARG A 457 13.32 14.49 -5.14
CA ARG A 457 13.04 13.03 -5.04
C ARG A 457 12.05 12.72 -3.92
N THR A 458 11.36 13.71 -3.36
CA THR A 458 10.39 13.49 -2.25
C THR A 458 9.25 12.57 -2.73
N PHE A 459 8.96 12.51 -4.04
CA PHE A 459 7.92 11.64 -4.64
C PHE A 459 8.57 10.64 -5.59
N GLN A 460 9.81 10.25 -5.33
CA GLN A 460 10.55 9.40 -6.30
C GLN A 460 9.93 8.02 -6.37
N SER A 461 9.35 7.52 -5.27
CA SER A 461 8.79 6.15 -5.27
C SER A 461 7.53 6.08 -4.43
N TYR A 462 6.74 5.07 -4.72
CA TYR A 462 5.51 4.82 -3.95
C TYR A 462 5.14 3.35 -4.07
N SER A 463 4.27 2.90 -3.17
CA SER A 463 3.70 1.53 -3.21
C SER A 463 4.79 0.53 -2.89
N HIS A 464 5.57 0.82 -1.86
CA HIS A 464 6.60 -0.08 -1.32
C HIS A 464 5.92 -1.35 -0.81
N TYR A 465 6.28 -2.49 -1.36
CA TYR A 465 5.78 -3.83 -0.95
C TYR A 465 6.96 -4.64 -0.42
N VAL A 466 6.82 -5.15 0.80
CA VAL A 466 7.92 -5.86 1.48
C VAL A 466 7.82 -7.34 1.13
N MET A 467 8.91 -7.85 0.57
CA MET A 467 9.03 -9.23 0.06
C MET A 467 9.87 -10.06 1.02
N PRO A 468 9.86 -11.40 0.87
CA PRO A 468 10.68 -12.24 1.74
C PRO A 468 12.13 -11.75 1.80
N GLY A 469 12.71 -11.80 2.99
CA GLY A 469 14.10 -11.38 3.23
C GLY A 469 14.26 -9.86 3.32
N GLY A 470 13.16 -9.12 3.42
CA GLY A 470 13.20 -7.66 3.64
C GLY A 470 13.48 -6.90 2.35
N LEU A 471 13.35 -7.54 1.20
CA LEU A 471 13.49 -6.81 -0.07
C LEU A 471 12.21 -6.03 -0.29
N VAL A 472 12.33 -4.85 -0.87
CA VAL A 472 11.20 -3.90 -1.01
C VAL A 472 11.11 -3.47 -2.46
N GLU A 473 9.99 -3.73 -3.12
CA GLU A 473 9.75 -3.27 -4.50
C GLU A 473 8.80 -2.08 -4.46
N SER A 474 8.89 -1.21 -5.44
CA SER A 474 8.06 0.01 -5.54
C SER A 474 8.07 0.53 -6.97
N TYR A 475 7.28 1.55 -7.27
CA TYR A 475 7.26 2.21 -8.59
C TYR A 475 7.73 3.65 -8.44
N ILE A 476 8.19 4.19 -9.56
CA ILE A 476 8.70 5.59 -9.65
C ILE A 476 7.55 6.52 -10.03
N ASP A 477 7.35 7.58 -9.24
CA ASP A 477 6.33 8.60 -9.53
C ASP A 477 7.00 9.82 -10.16
N ALA A 478 7.74 10.63 -9.41
CA ALA A 478 8.39 11.83 -9.98
C ALA A 478 9.83 11.92 -9.51
N ILE A 479 10.74 12.18 -10.43
CA ILE A 479 12.15 12.52 -10.11
C ILE A 479 12.42 13.81 -10.88
N GLY A 480 12.45 14.93 -10.18
CA GLY A 480 12.46 16.24 -10.85
C GLY A 480 11.28 16.30 -11.82
N PRO A 481 11.48 16.83 -13.04
CA PRO A 481 10.36 16.97 -13.98
C PRO A 481 9.93 15.66 -14.65
N ARG A 482 10.70 14.58 -14.47
CA ARG A 482 10.37 13.29 -15.13
C ARG A 482 9.36 12.51 -14.28
N ARG A 483 8.29 12.06 -14.92
CA ARG A 483 7.29 11.13 -14.32
C ARG A 483 7.65 9.71 -14.75
N GLY A 484 7.47 8.76 -13.86
CA GLY A 484 7.92 7.37 -14.06
C GLY A 484 6.84 6.48 -14.62
N GLY A 485 5.99 5.90 -13.78
CA GLY A 485 5.15 4.79 -14.24
C GLY A 485 6.02 3.63 -14.69
N ALA A 486 7.12 3.41 -13.96
CA ALA A 486 8.09 2.31 -14.15
C ALA A 486 8.46 1.81 -12.76
N LEU A 487 8.89 0.57 -12.68
CA LEU A 487 9.34 0.00 -11.40
C LEU A 487 10.65 0.67 -10.93
N ALA A 488 10.75 0.90 -9.63
CA ALA A 488 11.92 1.48 -8.98
C ALA A 488 12.96 0.38 -8.77
N PRO A 489 14.20 0.76 -8.42
CA PRO A 489 15.16 -0.22 -7.92
C PRO A 489 14.59 -0.87 -6.66
N THR A 490 14.75 -2.18 -6.56
CA THR A 490 14.47 -2.94 -5.32
C THR A 490 15.52 -2.56 -4.28
N VAL A 491 15.10 -2.34 -3.05
CA VAL A 491 16.02 -2.03 -1.91
C VAL A 491 15.85 -3.11 -0.85
N LYS A 492 16.65 -3.04 0.20
CA LYS A 492 16.64 -4.07 1.26
C LYS A 492 16.62 -3.40 2.63
N ILE A 493 15.64 -3.75 3.44
CA ILE A 493 15.57 -3.30 4.85
C ILE A 493 15.92 -4.48 5.74
N ASN A 494 16.72 -4.19 6.75
CA ASN A 494 17.04 -5.16 7.83
C ASN A 494 16.04 -4.93 8.95
N ILE A 495 15.15 -5.87 9.15
CA ILE A 495 14.08 -5.75 10.17
C ILE A 495 14.60 -6.41 11.44
N ASN A 496 14.75 -5.65 12.52
CA ASN A 496 15.33 -6.18 13.78
C ASN A 496 14.41 -5.76 14.93
N GLY A 497 13.45 -6.60 15.32
CA GLY A 497 12.57 -6.28 16.45
C GLY A 497 11.72 -5.05 16.18
N THR A 498 11.91 -3.98 16.96
CA THR A 498 11.09 -2.73 16.86
C THR A 498 11.74 -1.71 15.92
N SER A 499 12.84 -2.04 15.25
CA SER A 499 13.54 -1.06 14.38
C SER A 499 13.97 -1.70 13.06
N THR A 500 14.27 -0.84 12.08
CA THR A 500 14.67 -1.24 10.73
C THR A 500 15.84 -0.36 10.26
N ILE A 501 16.64 -0.89 9.36
CA ILE A 501 17.76 -0.15 8.72
C ILE A 501 17.77 -0.46 7.24
N LEU A 502 17.74 0.57 6.40
CA LEU A 502 18.00 0.43 4.96
C LEU A 502 19.45 -0.03 4.75
N ASP A 503 19.65 -1.15 4.09
CA ASP A 503 21.00 -1.71 3.85
C ASP A 503 21.65 -0.96 2.69
N ARG A 504 22.59 -0.06 2.98
CA ARG A 504 23.23 0.77 1.93
C ARG A 504 24.36 0.03 1.21
N THR A 505 24.60 -1.24 1.54
CA THR A 505 25.58 -2.11 0.84
C THR A 505 24.86 -3.02 -0.16
N TYR A 506 23.52 -3.04 -0.16
CA TYR A 506 22.74 -3.90 -1.08
C TYR A 506 22.83 -3.31 -2.49
N GLY A 507 23.05 -4.14 -3.50
CA GLY A 507 23.14 -3.69 -4.90
C GLY A 507 24.22 -2.63 -5.09
N ASN A 508 23.89 -1.52 -5.77
CA ASN A 508 24.81 -0.37 -5.96
C ASN A 508 24.43 0.70 -4.93
N ALA A 509 25.14 0.73 -3.80
CA ALA A 509 24.98 1.74 -2.73
C ALA A 509 23.52 1.80 -2.26
N GLY A 510 22.88 0.63 -2.16
CA GLY A 510 21.53 0.49 -1.63
C GLY A 510 20.50 0.22 -2.71
N LEU A 511 20.81 0.49 -3.98
CA LEU A 511 19.84 0.32 -5.09
C LEU A 511 20.11 -1.02 -5.79
N GLY A 512 19.15 -1.93 -5.73
CA GLY A 512 19.22 -3.20 -6.46
C GLY A 512 18.65 -3.03 -7.85
N GLY A 513 18.22 -4.12 -8.48
CA GLY A 513 17.73 -4.07 -9.87
C GLY A 513 16.41 -3.33 -9.99
N TYR A 514 16.20 -2.63 -11.10
CA TYR A 514 14.87 -2.06 -11.42
C TYR A 514 13.86 -3.20 -11.50
N GLY A 515 12.80 -3.11 -10.68
CA GLY A 515 11.72 -4.12 -10.68
C GLY A 515 12.20 -5.51 -10.33
N ASP A 516 13.20 -5.66 -9.48
CA ASP A 516 13.65 -7.01 -9.05
C ASP A 516 12.60 -7.55 -8.07
N ILE A 517 11.72 -8.41 -8.56
CA ILE A 517 10.63 -9.02 -7.74
C ILE A 517 10.78 -10.53 -7.87
N PRO A 518 11.71 -11.13 -7.13
CA PRO A 518 12.11 -12.52 -7.38
C PRO A 518 11.22 -13.55 -6.67
N ALA A 519 11.17 -14.75 -7.25
CA ALA A 519 10.52 -15.92 -6.62
C ALA A 519 11.51 -16.58 -5.66
N ASN A 520 11.02 -17.03 -4.51
CA ASN A 520 11.85 -17.78 -3.52
C ASN A 520 11.50 -19.27 -3.59
N LEU A 521 10.34 -19.66 -4.12
CA LEU A 521 9.90 -21.09 -4.15
C LEU A 521 9.20 -21.40 -5.47
N PRO A 522 9.45 -22.56 -6.08
CA PRO A 522 8.70 -22.99 -7.25
C PRO A 522 7.30 -23.43 -6.82
N ALA A 523 6.28 -23.09 -7.62
CA ALA A 523 4.88 -23.53 -7.45
C ALA A 523 4.79 -25.02 -7.79
MG MG B . 1.20 18.64 5.94
MG MG C . 15.55 27.06 -0.72
C1 FRU D . -3.04 2.28 -3.35
C2 FRU D . -3.42 3.17 -4.51
C3 FRU D . -3.65 4.62 -4.13
C4 FRU D . -4.35 5.13 -5.38
C5 FRU D . -5.19 3.94 -5.82
C6 FRU D . -5.14 3.70 -7.33
O1 FRU D . -4.12 2.28 -2.42
O2 FRU D . -2.40 3.11 -5.51
O3 FRU D . -2.47 5.35 -3.82
O4 FRU D . -5.21 6.23 -5.09
O5 FRU D . -4.64 2.79 -5.13
O6 FRU D . -3.81 3.67 -7.85
C1 BDF E . -11.98 7.42 17.69
C2 BDF E . -11.98 5.90 17.57
C3 BDF E . -10.57 5.25 17.48
C4 BDF E . -10.68 3.75 17.25
C5 BDF E . -11.52 3.47 16.02
C6 BDF E . -12.86 4.18 16.13
O1 BDF E . -11.39 8.10 16.58
O2 BDF E . -12.67 5.41 18.68
O3 BDF E . -9.85 5.51 18.68
O4 BDF E . -9.36 3.17 17.12
O5 BDF E . -10.79 3.92 14.89
O6 BDF E . -12.70 5.60 16.36
C1 BDF F . -6.80 -7.60 26.97
C2 BDF F . -6.45 -9.09 26.99
C3 BDF F . -6.35 -9.62 25.55
C4 BDF F . -6.44 -11.14 25.49
C5 BDF F . -7.58 -11.71 26.32
C6 BDF F . -7.52 -11.12 27.72
O1 BDF F . -6.65 -7.04 28.25
O2 BDF F . -5.24 -9.34 27.67
O3 BDF F . -5.11 -9.19 24.98
O4 BDF F . -6.59 -11.56 24.13
O5 BDF F . -8.86 -11.42 25.76
O6 BDF F . -7.56 -9.68 27.65
#